data_8WTV
#
_entry.id   8WTV
#
_cell.length_a   1.00
_cell.length_b   1.00
_cell.length_c   1.00
_cell.angle_alpha   90.00
_cell.angle_beta   90.00
_cell.angle_gamma   90.00
#
_symmetry.space_group_name_H-M   'P 1'
#
loop_
_entity.id
_entity.type
_entity.pdbx_description
1 polymer 'Sodium-dependent noradrenaline transporter'
2 non-polymer 'SODIUM ION'
3 non-polymer 'CHLORIDE ION'
4 non-polymer Noradrenaline
5 non-polymer 2-acetamido-2-deoxy-beta-D-glucopyranose
6 water water
#
_entity_poly.entity_id   1
_entity_poly.type   'polypeptide(L)'
_entity_poly.pdbx_seq_one_letter_code
;DAQPRETWGKKIDFLLSVVGFAVDLANVWRFPYLCYKNGGGAFLIPYTLFLIIAGMPLFYMELALGQYNREGAATVWKIC
PFFKGVGYAVILIALYVGFYYNVIIAWSLYYLFSSFTLNLPWTDCGHTWNSPNCTDPKLLNGSVLGNHTKYSKYKFTPAA
EFYERGVLHLHESSGIHDIGLPQWQLLLCLMVVVIVLYFSLWKGVKTSGKVVWITATLPYFVLFVLLVHGVTLPGASNGI
NAYLHIDFYRLKEATVWIDAATQIFFSLGAGFGVLIAFASYNKFDNNCYRDALLTSSINCITSFVSGFAIFSILGYMAHE
HKVNIEDVATEGAGLVFILYPEAISTLSGSTFWAVVFFVMLLALGLDSSMGGMEAVITGLADDFQVLKRHRKLFTFGVTF
STFLLALFCITKGGIYVLTLLDTFAAGTSILFAVLMEAIGVSWFYGVDRFSNDIQQMMGFRPGLYWRLCWKFVSPAFLLF
VVVVSIINFKPLTYDDYIFPPWANWVGWGIALSSMVLVPIYVIYKFLSTQGSLWERLAYGITPENEHHLVAQRDIRQFQL
QHWLAI
;
_entity_poly.pdbx_strand_id   A
#
loop_
_chem_comp.id
_chem_comp.type
_chem_comp.name
_chem_comp.formula
CL non-polymer 'CHLORIDE ION' 'Cl -1'
E5E non-polymer Noradrenaline 'C8 H12 N O3 1'
NA non-polymer 'SODIUM ION' 'Na 1'
NAG D-saccharide, beta linking 2-acetamido-2-deoxy-beta-D-glucopyranose 'C8 H15 N O6'
#
# COMPACT_ATOMS: atom_id res chain seq x y z
N SER A 17 1.15 -23.22 -1.59
CA SER A 17 1.98 -22.12 -2.06
C SER A 17 1.21 -21.22 -3.01
N VAL A 18 -0.09 -21.06 -2.76
CA VAL A 18 -0.92 -20.21 -3.60
C VAL A 18 -0.98 -18.78 -3.11
N VAL A 19 -0.57 -18.50 -1.87
CA VAL A 19 -0.54 -17.14 -1.37
C VAL A 19 0.53 -16.33 -2.08
N GLY A 20 1.68 -16.97 -2.38
CA GLY A 20 2.74 -16.27 -3.10
C GLY A 20 2.34 -15.83 -4.49
N PHE A 21 1.48 -16.60 -5.17
CA PHE A 21 1.05 -16.27 -6.51
C PHE A 21 -0.08 -15.24 -6.54
N ALA A 22 -0.62 -14.85 -5.39
CA ALA A 22 -1.71 -13.90 -5.36
C ALA A 22 -1.24 -12.52 -5.79
N VAL A 23 -2.06 -11.85 -6.60
CA VAL A 23 -1.76 -10.52 -7.13
C VAL A 23 -2.34 -9.48 -6.18
N ASP A 24 -1.66 -8.34 -6.08
CA ASP A 24 -2.07 -7.24 -5.22
C ASP A 24 -2.87 -6.21 -6.01
N LEU A 25 -3.81 -5.57 -5.31
CA LEU A 25 -4.57 -4.48 -5.94
C LEU A 25 -3.69 -3.27 -6.22
N ALA A 26 -2.64 -3.07 -5.42
CA ALA A 26 -1.74 -1.95 -5.63
C ALA A 26 -1.08 -2.01 -7.00
N ASN A 27 -0.58 -3.19 -7.39
CA ASN A 27 0.11 -3.35 -8.66
C ASN A 27 -0.79 -3.07 -9.86
N VAL A 28 -2.10 -3.11 -9.68
CA VAL A 28 -3.05 -2.97 -10.78
C VAL A 28 -3.64 -1.57 -10.79
N TRP A 29 -3.73 -0.94 -9.62
CA TRP A 29 -4.39 0.35 -9.48
C TRP A 29 -3.43 1.52 -9.30
N ARG A 30 -2.44 1.41 -8.41
CA ARG A 30 -1.59 2.54 -8.07
C ARG A 30 -0.38 2.66 -8.98
N PHE A 31 0.24 1.53 -9.34
CA PHE A 31 1.41 1.56 -10.22
C PHE A 31 1.16 2.27 -11.55
N PRO A 32 0.03 2.07 -12.25
CA PRO A 32 -0.14 2.74 -13.54
C PRO A 32 -0.01 4.26 -13.50
N TYR A 33 -0.72 4.94 -12.60
CA TYR A 33 -0.66 6.40 -12.62
C TYR A 33 0.63 6.93 -12.00
N LEU A 34 1.30 6.17 -11.14
CA LEU A 34 2.62 6.57 -10.67
C LEU A 34 3.66 6.45 -11.78
N CYS A 35 3.53 5.44 -12.65
CA CYS A 35 4.42 5.33 -13.79
C CYS A 35 4.12 6.39 -14.84
N TYR A 36 2.84 6.69 -15.07
CA TYR A 36 2.45 7.70 -16.05
C TYR A 36 2.81 9.10 -15.58
N LYS A 37 2.79 9.35 -14.27
CA LYS A 37 3.13 10.67 -13.76
C LYS A 37 4.61 10.98 -13.89
N ASN A 38 5.47 9.96 -13.82
CA ASN A 38 6.91 10.16 -13.81
C ASN A 38 7.55 9.89 -15.17
N GLY A 39 6.78 9.98 -16.25
CA GLY A 39 7.33 9.97 -17.59
C GLY A 39 7.38 8.61 -18.27
N GLY A 40 7.20 7.52 -17.54
CA GLY A 40 7.24 6.21 -18.17
C GLY A 40 8.43 5.36 -17.77
N GLY A 41 9.38 5.19 -18.70
CA GLY A 41 10.47 4.26 -18.50
C GLY A 41 11.49 4.69 -17.45
N ALA A 42 11.58 5.98 -17.16
CA ALA A 42 12.50 6.44 -16.13
C ALA A 42 12.11 5.96 -14.74
N PHE A 43 10.84 5.58 -14.55
CA PHE A 43 10.36 5.11 -13.26
C PHE A 43 10.83 3.69 -12.94
N LEU A 44 11.21 2.92 -13.96
CA LEU A 44 11.50 1.50 -13.76
C LEU A 44 12.85 1.25 -13.12
N ILE A 45 13.81 2.15 -13.29
CA ILE A 45 15.17 1.95 -12.75
C ILE A 45 15.17 2.08 -11.23
N PRO A 46 14.69 3.18 -10.65
CA PRO A 46 14.64 3.24 -9.18
C PRO A 46 13.78 2.16 -8.56
N TYR A 47 12.70 1.77 -9.24
CA TYR A 47 11.82 0.72 -8.70
C TYR A 47 12.57 -0.60 -8.57
N THR A 48 13.25 -1.03 -9.64
CA THR A 48 13.99 -2.28 -9.59
C THR A 48 15.14 -2.20 -8.59
N LEU A 49 15.84 -1.06 -8.57
CA LEU A 49 16.95 -0.90 -7.63
C LEU A 49 16.48 -1.01 -6.19
N PHE A 50 15.36 -0.35 -5.85
CA PHE A 50 14.86 -0.41 -4.49
C PHE A 50 14.33 -1.79 -4.14
N LEU A 51 13.68 -2.46 -5.09
CA LEU A 51 13.22 -3.82 -4.84
C LEU A 51 14.39 -4.74 -4.52
N ILE A 52 15.48 -4.62 -5.26
CA ILE A 52 16.65 -5.47 -5.00
C ILE A 52 17.32 -5.09 -3.68
N ILE A 53 17.41 -3.79 -3.39
CA ILE A 53 18.24 -3.34 -2.27
C ILE A 53 17.52 -3.48 -0.94
N ALA A 54 16.28 -2.97 -0.83
CA ALA A 54 15.62 -2.88 0.45
C ALA A 54 14.29 -3.62 0.55
N GLY A 55 13.65 -3.93 -0.58
CA GLY A 55 12.34 -4.57 -0.54
C GLY A 55 12.35 -6.02 -0.13
N MET A 56 13.00 -6.90 -0.88
CA MET A 56 13.07 -8.31 -0.51
C MET A 56 13.77 -8.59 0.87
N PRO A 57 14.95 -7.95 1.20
CA PRO A 57 15.53 -8.26 2.52
C PRO A 57 14.61 -7.96 3.69
N LEU A 58 13.85 -6.88 3.63
CA LEU A 58 13.00 -6.52 4.75
C LEU A 58 11.70 -7.33 4.78
N PHE A 59 11.22 -7.75 3.61
CA PHE A 59 10.16 -8.76 3.55
C PHE A 59 10.60 -10.03 4.26
N TYR A 60 11.81 -10.50 3.95
CA TYR A 60 12.38 -11.67 4.61
C TYR A 60 12.49 -11.45 6.12
N MET A 61 12.98 -10.27 6.52
CA MET A 61 13.16 -9.97 7.94
C MET A 61 11.83 -10.01 8.68
N GLU A 62 10.80 -9.38 8.13
CA GLU A 62 9.49 -9.36 8.80
C GLU A 62 8.89 -10.75 8.89
N LEU A 63 8.98 -11.53 7.81
CA LEU A 63 8.47 -12.89 7.85
C LEU A 63 9.17 -13.72 8.92
N ALA A 64 10.50 -13.66 8.96
CA ALA A 64 11.25 -14.45 9.93
C ALA A 64 10.95 -14.02 11.36
N LEU A 65 10.87 -12.70 11.60
CA LEU A 65 10.57 -12.21 12.94
C LEU A 65 9.20 -12.70 13.42
N GLY A 66 8.18 -12.53 12.57
CA GLY A 66 6.85 -12.99 12.94
C GLY A 66 6.79 -14.48 13.17
N GLN A 67 7.44 -15.26 12.31
CA GLN A 67 7.40 -16.72 12.45
C GLN A 67 8.13 -17.17 13.71
N TYR A 68 9.26 -16.54 14.05
CA TYR A 68 10.01 -16.99 15.21
C TYR A 68 9.32 -16.61 16.51
N ASN A 69 8.84 -15.37 16.62
CA ASN A 69 8.36 -14.89 17.92
C ASN A 69 6.90 -15.22 18.19
N ARG A 70 6.13 -15.61 17.17
CA ARG A 70 4.71 -15.95 17.32
C ARG A 70 3.93 -14.81 17.99
N GLU A 71 4.21 -13.58 17.58
CA GLU A 71 3.55 -12.41 18.14
C GLU A 71 3.11 -11.46 17.02
N GLY A 72 2.31 -10.47 17.39
CA GLY A 72 1.85 -9.46 16.48
C GLY A 72 2.83 -8.31 16.34
N ALA A 73 2.34 -7.21 15.78
CA ALA A 73 3.23 -6.07 15.50
C ALA A 73 3.71 -5.39 16.78
N ALA A 74 2.86 -5.34 17.80
CA ALA A 74 3.19 -4.61 19.02
C ALA A 74 3.98 -5.45 20.02
N THR A 75 3.54 -6.68 20.27
CA THR A 75 4.14 -7.50 21.30
C THR A 75 5.38 -8.26 20.84
N VAL A 76 5.76 -8.14 19.56
CA VAL A 76 6.98 -8.78 19.09
C VAL A 76 8.22 -8.10 19.64
N TRP A 77 8.09 -6.88 20.18
CA TRP A 77 9.23 -6.12 20.67
C TRP A 77 9.58 -6.47 22.11
N LYS A 78 9.20 -7.66 22.58
CA LYS A 78 9.70 -8.16 23.85
C LYS A 78 11.19 -8.48 23.79
N ILE A 79 11.78 -8.51 22.60
CA ILE A 79 13.22 -8.69 22.46
C ILE A 79 13.97 -7.38 22.63
N CYS A 80 13.28 -6.24 22.53
CA CYS A 80 13.91 -4.93 22.75
C CYS A 80 12.81 -3.97 23.18
N PRO A 81 12.55 -3.87 24.48
CA PRO A 81 11.37 -3.12 24.94
C PRO A 81 11.35 -1.65 24.58
N PHE A 82 12.50 -1.03 24.31
CA PHE A 82 12.53 0.39 23.96
C PHE A 82 11.90 0.68 22.60
N PHE A 83 11.76 -0.33 21.74
CA PHE A 83 11.32 -0.12 20.36
C PHE A 83 9.86 -0.44 20.13
N LYS A 84 9.04 -0.44 21.19
CA LYS A 84 7.65 -0.84 21.07
C LYS A 84 6.76 0.22 20.41
N GLY A 85 7.26 1.44 20.21
CA GLY A 85 6.47 2.46 19.52
C GLY A 85 6.31 2.21 18.05
N VAL A 86 7.21 1.43 17.44
CA VAL A 86 7.12 1.15 16.01
C VAL A 86 5.88 0.32 15.68
N GLY A 87 5.54 -0.63 16.55
CA GLY A 87 4.33 -1.41 16.33
C GLY A 87 3.07 -0.57 16.40
N TYR A 88 3.00 0.34 17.37
CA TYR A 88 1.86 1.24 17.45
C TYR A 88 1.80 2.14 16.21
N ALA A 89 2.96 2.61 15.75
CA ALA A 89 2.99 3.44 14.56
C ALA A 89 2.47 2.70 13.32
N VAL A 90 2.90 1.44 13.14
CA VAL A 90 2.45 0.71 11.96
C VAL A 90 0.97 0.36 12.06
N ILE A 91 0.47 0.10 13.26
CA ILE A 91 -0.97 -0.15 13.42
C ILE A 91 -1.77 1.12 13.07
N LEU A 92 -1.30 2.28 13.52
CA LEU A 92 -1.96 3.53 13.18
C LEU A 92 -1.92 3.79 11.67
N ILE A 93 -0.80 3.47 11.03
CA ILE A 93 -0.69 3.65 9.57
C ILE A 93 -1.69 2.74 8.86
N ALA A 94 -1.84 1.49 9.34
CA ALA A 94 -2.79 0.58 8.73
C ALA A 94 -4.21 1.11 8.86
N LEU A 95 -4.57 1.64 10.03
CA LEU A 95 -5.89 2.25 10.20
C LEU A 95 -6.09 3.42 9.25
N TYR A 96 -5.09 4.29 9.12
CA TYR A 96 -5.18 5.43 8.21
C TYR A 96 -5.42 4.99 6.77
N VAL A 97 -4.67 3.97 6.32
CA VAL A 97 -4.81 3.51 4.95
C VAL A 97 -6.19 2.88 4.73
N GLY A 98 -6.66 2.10 5.71
CA GLY A 98 -7.98 1.52 5.59
C GLY A 98 -9.10 2.55 5.57
N PHE A 99 -8.84 3.74 6.13
CA PHE A 99 -9.87 4.79 6.09
C PHE A 99 -10.27 5.16 4.66
N TYR A 100 -9.38 4.98 3.68
CA TYR A 100 -9.69 5.35 2.30
C TYR A 100 -9.53 4.20 1.31
N TYR A 101 -9.05 3.03 1.74
CA TYR A 101 -8.92 1.92 0.81
C TYR A 101 -10.26 1.41 0.31
N ASN A 102 -11.32 1.52 1.12
CA ASN A 102 -12.60 0.92 0.79
C ASN A 102 -13.43 1.75 -0.19
N VAL A 103 -13.08 3.02 -0.41
CA VAL A 103 -13.78 3.82 -1.41
C VAL A 103 -13.49 3.30 -2.81
N ILE A 104 -12.28 2.80 -3.06
CA ILE A 104 -11.97 2.17 -4.35
C ILE A 104 -12.85 0.95 -4.57
N ILE A 105 -13.06 0.15 -3.52
CA ILE A 105 -13.93 -1.02 -3.62
C ILE A 105 -15.36 -0.60 -3.89
N ALA A 106 -15.82 0.49 -3.26
CA ALA A 106 -17.15 1.01 -3.53
C ALA A 106 -17.29 1.45 -4.99
N TRP A 107 -16.25 2.10 -5.53
CA TRP A 107 -16.26 2.48 -6.94
C TRP A 107 -16.35 1.25 -7.84
N SER A 108 -15.60 0.20 -7.50
CA SER A 108 -15.65 -1.02 -8.29
C SER A 108 -17.04 -1.65 -8.25
N LEU A 109 -17.68 -1.64 -7.08
CA LEU A 109 -19.04 -2.16 -6.98
C LEU A 109 -20.02 -1.35 -7.82
N TYR A 110 -19.87 -0.02 -7.82
CA TYR A 110 -20.74 0.82 -8.64
C TYR A 110 -20.55 0.53 -10.12
N TYR A 111 -19.30 0.36 -10.56
CA TYR A 111 -19.06 0.06 -11.96
C TYR A 111 -19.60 -1.31 -12.35
N LEU A 112 -19.46 -2.30 -11.46
CA LEU A 112 -20.03 -3.62 -11.72
C LEU A 112 -21.55 -3.54 -11.84
N PHE A 113 -22.19 -2.74 -10.99
CA PHE A 113 -23.63 -2.55 -11.10
C PHE A 113 -23.99 -1.89 -12.44
N SER A 114 -23.19 -0.92 -12.87
CA SER A 114 -23.47 -0.24 -14.13
C SER A 114 -23.17 -1.10 -15.35
N SER A 115 -22.43 -2.19 -15.19
CA SER A 115 -22.05 -3.01 -16.34
C SER A 115 -23.13 -3.97 -16.82
N PHE A 116 -24.26 -4.10 -16.11
CA PHE A 116 -25.29 -5.06 -16.47
C PHE A 116 -26.25 -4.49 -17.52
N THR A 117 -25.70 -4.19 -18.70
CA THR A 117 -26.49 -3.62 -19.78
C THR A 117 -25.79 -3.86 -21.11
N LEU A 118 -26.56 -3.74 -22.19
CA LEU A 118 -26.03 -3.89 -23.53
C LEU A 118 -25.62 -2.56 -24.16
N ASN A 119 -25.83 -1.44 -23.45
CA ASN A 119 -25.38 -0.12 -23.88
C ASN A 119 -24.59 0.47 -22.72
N LEU A 120 -23.26 0.30 -22.77
CA LEU A 120 -22.42 0.76 -21.67
C LEU A 120 -22.50 2.27 -21.54
N PRO A 121 -22.58 2.80 -20.31
CA PRO A 121 -22.83 4.24 -20.13
C PRO A 121 -21.66 5.13 -20.48
N TRP A 122 -20.45 4.59 -20.66
CA TRP A 122 -19.26 5.39 -20.89
C TRP A 122 -18.88 5.48 -22.36
N THR A 123 -19.73 5.02 -23.27
CA THR A 123 -19.42 5.03 -24.69
C THR A 123 -20.08 6.16 -25.45
N ASP A 124 -21.22 6.65 -24.99
CA ASP A 124 -21.97 7.69 -25.68
C ASP A 124 -21.89 9.00 -24.91
N CYS A 125 -22.45 10.05 -25.51
CA CYS A 125 -22.44 11.40 -24.97
C CYS A 125 -23.85 12.01 -25.06
N GLY A 126 -24.84 11.26 -24.60
CA GLY A 126 -26.21 11.73 -24.67
C GLY A 126 -27.03 11.48 -23.41
N HIS A 127 -26.40 11.52 -22.26
CA HIS A 127 -27.05 11.23 -20.99
C HIS A 127 -27.26 12.53 -20.20
N THR A 128 -27.83 12.39 -19.01
CA THR A 128 -28.16 13.53 -18.16
C THR A 128 -26.96 14.12 -17.45
N TRP A 129 -25.84 13.40 -17.39
CA TRP A 129 -24.65 13.87 -16.69
C TRP A 129 -23.61 14.49 -17.61
N ASN A 130 -23.96 14.73 -18.87
CA ASN A 130 -23.01 15.20 -19.87
C ASN A 130 -23.09 16.71 -20.01
N SER A 131 -21.95 17.37 -20.00
CA SER A 131 -21.85 18.80 -20.23
C SER A 131 -21.97 19.11 -21.73
N PRO A 132 -22.27 20.37 -22.18
CA PRO A 132 -22.43 20.62 -23.63
C PRO A 132 -21.09 20.58 -24.37
N ASN A 133 -20.00 20.36 -23.64
CA ASN A 133 -18.62 20.42 -24.20
C ASN A 133 -18.13 19.00 -24.45
N CYS A 134 -18.86 18.00 -23.95
CA CYS A 134 -18.52 16.58 -24.16
C CYS A 134 -18.43 16.29 -25.66
N THR A 135 -17.30 15.72 -26.10
CA THR A 135 -17.02 15.44 -27.50
C THR A 135 -16.95 13.93 -27.71
N ASP A 136 -17.72 13.44 -28.68
CA ASP A 136 -17.74 12.02 -29.01
C ASP A 136 -17.18 11.82 -30.41
N PRO A 137 -16.01 11.18 -30.57
CA PRO A 137 -15.37 10.97 -31.87
C PRO A 137 -16.25 10.20 -32.86
N SER A 152 -2.33 21.49 -19.83
CA SER A 152 -3.70 21.27 -19.39
C SER A 152 -4.07 19.79 -19.47
N LYS A 153 -5.34 19.48 -19.21
CA LYS A 153 -5.83 18.12 -19.23
C LYS A 153 -7.10 18.04 -20.06
N TYR A 154 -7.32 16.89 -20.69
CA TYR A 154 -8.48 16.65 -21.53
C TYR A 154 -9.51 15.84 -20.73
N LYS A 155 -10.68 16.44 -20.51
CA LYS A 155 -11.73 15.81 -19.70
C LYS A 155 -13.08 15.77 -20.41
N PHE A 156 -13.13 16.00 -21.72
CA PHE A 156 -14.38 16.08 -22.44
C PHE A 156 -14.73 14.78 -23.16
N THR A 157 -14.02 13.70 -22.87
CA THR A 157 -14.35 12.40 -23.44
C THR A 157 -15.49 11.75 -22.66
N PRO A 158 -16.27 10.88 -23.31
CA PRO A 158 -17.40 10.25 -22.60
C PRO A 158 -17.01 9.45 -21.36
N ALA A 159 -15.86 8.76 -21.38
CA ALA A 159 -15.46 7.97 -20.23
C ALA A 159 -15.09 8.85 -19.05
N ALA A 160 -14.28 9.89 -19.30
CA ALA A 160 -13.91 10.82 -18.24
C ALA A 160 -15.13 11.56 -17.71
N GLU A 161 -16.03 11.97 -18.60
CA GLU A 161 -17.26 12.63 -18.16
C GLU A 161 -18.11 11.72 -17.30
N PHE A 162 -18.25 10.45 -17.69
CA PHE A 162 -18.96 9.50 -16.85
C PHE A 162 -18.32 9.41 -15.48
N TYR A 163 -17.01 9.16 -15.43
CA TYR A 163 -16.32 8.97 -14.15
C TYR A 163 -16.48 10.18 -13.25
N GLU A 164 -16.34 11.39 -13.80
CA GLU A 164 -16.30 12.58 -12.98
C GLU A 164 -17.67 13.16 -12.66
N ARG A 165 -18.69 12.88 -13.46
CA ARG A 165 -19.98 13.53 -13.27
C ARG A 165 -21.12 12.58 -12.92
N GLY A 166 -21.08 11.33 -13.36
CA GLY A 166 -22.16 10.41 -13.04
C GLY A 166 -21.84 9.50 -11.88
N VAL A 167 -20.58 9.53 -11.42
CA VAL A 167 -20.15 8.68 -10.30
C VAL A 167 -19.74 9.57 -9.14
N LEU A 168 -18.71 10.41 -9.36
CA LEU A 168 -18.20 11.26 -8.29
C LEU A 168 -19.10 12.46 -8.01
N HIS A 169 -19.77 12.99 -9.04
CA HIS A 169 -20.49 14.25 -8.95
C HIS A 169 -19.56 15.39 -8.53
N LEU A 170 -18.31 15.34 -8.98
CA LEU A 170 -17.30 16.30 -8.57
C LEU A 170 -17.58 17.70 -9.10
N HIS A 171 -18.36 17.83 -10.17
CA HIS A 171 -18.65 19.14 -10.75
C HIS A 171 -19.45 20.03 -9.83
N GLU A 172 -20.04 19.48 -8.76
CA GLU A 172 -20.78 20.26 -7.77
C GLU A 172 -19.92 20.71 -6.60
N SER A 173 -18.62 20.43 -6.62
CA SER A 173 -17.71 20.82 -5.56
C SER A 173 -16.69 21.82 -6.08
N SER A 174 -16.35 22.80 -5.25
CA SER A 174 -15.41 23.86 -5.64
C SER A 174 -14.01 23.67 -5.07
N GLY A 175 -13.84 22.79 -4.09
CA GLY A 175 -12.53 22.58 -3.50
C GLY A 175 -12.66 21.82 -2.20
N ILE A 176 -11.53 21.71 -1.50
CA ILE A 176 -11.53 21.03 -0.21
C ILE A 176 -12.26 21.84 0.85
N HIS A 177 -12.45 23.14 0.63
CA HIS A 177 -13.24 23.97 1.53
C HIS A 177 -14.74 23.81 1.29
N ASP A 178 -15.15 23.16 0.20
CA ASP A 178 -16.56 23.00 -0.16
C ASP A 178 -16.74 21.58 -0.67
N ILE A 179 -17.05 20.66 0.26
CA ILE A 179 -17.14 19.25 -0.09
C ILE A 179 -18.58 18.74 -0.15
N GLY A 180 -19.51 19.39 0.53
CA GLY A 180 -20.90 19.01 0.44
C GLY A 180 -21.25 17.71 1.15
N LEU A 181 -22.48 17.23 0.89
CA LEU A 181 -23.08 16.03 1.46
C LEU A 181 -22.67 14.79 0.69
N PRO A 182 -22.57 13.65 1.37
CA PRO A 182 -22.24 12.39 0.67
C PRO A 182 -23.35 11.95 -0.26
N GLN A 183 -22.94 11.32 -1.37
CA GLN A 183 -23.89 10.70 -2.29
C GLN A 183 -24.44 9.42 -1.70
N TRP A 184 -25.72 9.14 -1.99
CA TRP A 184 -26.36 7.99 -1.34
C TRP A 184 -26.07 6.68 -2.06
N GLN A 185 -25.80 6.71 -3.37
CA GLN A 185 -25.44 5.48 -4.08
C GLN A 185 -24.11 4.94 -3.59
N LEU A 186 -23.10 5.80 -3.51
CA LEU A 186 -21.81 5.38 -2.95
C LEU A 186 -21.94 5.01 -1.48
N LEU A 187 -22.88 5.64 -0.77
CA LEU A 187 -23.13 5.28 0.62
C LEU A 187 -23.64 3.84 0.72
N LEU A 188 -24.58 3.46 -0.15
CA LEU A 188 -25.08 2.09 -0.14
C LEU A 188 -23.99 1.10 -0.52
N CYS A 189 -23.16 1.45 -1.51
CA CYS A 189 -22.05 0.57 -1.87
C CYS A 189 -21.08 0.39 -0.70
N LEU A 190 -20.78 1.47 0.01
CA LEU A 190 -19.89 1.39 1.17
C LEU A 190 -20.51 0.53 2.28
N MET A 191 -21.81 0.66 2.51
CA MET A 191 -22.46 -0.18 3.52
C MET A 191 -22.36 -1.65 3.16
N VAL A 192 -22.58 -2.00 1.89
CA VAL A 192 -22.44 -3.39 1.47
C VAL A 192 -21.01 -3.88 1.68
N VAL A 193 -20.03 -3.04 1.32
CA VAL A 193 -18.63 -3.45 1.46
C VAL A 193 -18.29 -3.72 2.93
N VAL A 194 -18.71 -2.83 3.83
CA VAL A 194 -18.34 -3.01 5.23
C VAL A 194 -19.10 -4.17 5.86
N ILE A 195 -20.34 -4.45 5.42
CA ILE A 195 -21.06 -5.61 5.95
C ILE A 195 -20.35 -6.89 5.54
N VAL A 196 -19.93 -6.99 4.27
CA VAL A 196 -19.20 -8.16 3.82
C VAL A 196 -17.89 -8.30 4.60
N LEU A 197 -17.17 -7.19 4.80
CA LEU A 197 -15.91 -7.24 5.52
C LEU A 197 -16.10 -7.70 6.96
N TYR A 198 -17.16 -7.22 7.63
CA TYR A 198 -17.40 -7.66 9.00
C TYR A 198 -17.72 -9.14 9.06
N PHE A 199 -18.60 -9.62 8.18
CA PHE A 199 -18.97 -11.03 8.27
C PHE A 199 -17.89 -11.96 7.77
N SER A 200 -16.86 -11.45 7.11
CA SER A 200 -15.71 -12.28 6.74
C SER A 200 -14.65 -12.37 7.83
N LEU A 201 -14.80 -11.65 8.95
CA LEU A 201 -13.77 -11.59 9.97
C LEU A 201 -14.24 -11.83 11.40
N TRP A 202 -15.54 -11.80 11.64
CA TRP A 202 -16.08 -11.89 13.02
C TRP A 202 -15.87 -13.20 13.79
N LYS A 203 -15.37 -14.24 13.13
CA LYS A 203 -15.23 -15.54 13.78
C LYS A 203 -13.79 -16.03 13.86
N GLY A 204 -12.82 -15.22 13.47
CA GLY A 204 -11.42 -15.55 13.64
C GLY A 204 -10.65 -15.54 12.33
N VAL A 205 -9.38 -15.91 12.45
CA VAL A 205 -8.46 -15.99 11.32
C VAL A 205 -8.65 -17.35 10.64
N LYS A 206 -8.21 -17.47 9.39
CA LYS A 206 -8.32 -18.72 8.62
C LYS A 206 -9.78 -19.15 8.49
N THR A 207 -10.53 -18.34 7.76
CA THR A 207 -11.97 -18.50 7.59
C THR A 207 -12.30 -19.11 6.22
N SER A 208 -11.53 -20.10 5.80
CA SER A 208 -11.70 -20.77 4.50
C SER A 208 -11.54 -19.75 3.36
N GLY A 209 -10.30 -19.26 3.24
CA GLY A 209 -9.99 -18.16 2.35
C GLY A 209 -10.04 -18.52 0.88
N LYS A 210 -11.25 -18.77 0.37
CA LYS A 210 -11.45 -19.01 -1.04
C LYS A 210 -11.19 -17.77 -1.89
N VAL A 211 -11.04 -16.60 -1.27
CA VAL A 211 -10.75 -15.38 -2.01
C VAL A 211 -9.40 -15.49 -2.70
N VAL A 212 -8.40 -16.07 -2.02
CA VAL A 212 -7.07 -16.18 -2.60
C VAL A 212 -7.05 -17.10 -3.81
N TRP A 213 -8.05 -17.98 -3.96
CA TRP A 213 -8.11 -18.83 -5.14
C TRP A 213 -8.49 -18.02 -6.39
N ILE A 214 -9.45 -17.11 -6.25
CA ILE A 214 -9.80 -16.22 -7.36
C ILE A 214 -8.69 -15.20 -7.58
N THR A 215 -8.09 -14.71 -6.50
CA THR A 215 -7.05 -13.70 -6.58
C THR A 215 -5.78 -14.22 -7.25
N ALA A 216 -5.58 -15.53 -7.30
CA ALA A 216 -4.39 -16.12 -7.90
C ALA A 216 -4.60 -16.63 -9.32
N THR A 217 -5.83 -16.58 -9.83
CA THR A 217 -6.11 -17.10 -11.17
C THR A 217 -6.65 -16.05 -12.13
N LEU A 218 -7.73 -15.36 -11.76
CA LEU A 218 -8.41 -14.47 -12.70
C LEU A 218 -7.56 -13.29 -13.17
N PRO A 219 -6.82 -12.57 -12.31
CA PRO A 219 -6.06 -11.42 -12.82
C PRO A 219 -5.05 -11.75 -13.90
N TYR A 220 -4.44 -12.94 -13.86
CA TYR A 220 -3.51 -13.32 -14.93
C TYR A 220 -4.23 -13.41 -16.26
N PHE A 221 -5.40 -14.05 -16.27
CA PHE A 221 -6.17 -14.18 -17.51
C PHE A 221 -6.62 -12.82 -18.02
N VAL A 222 -7.10 -11.95 -17.12
CA VAL A 222 -7.57 -10.63 -17.55
C VAL A 222 -6.41 -9.81 -18.12
N LEU A 223 -5.26 -9.82 -17.44
CA LEU A 223 -4.10 -9.08 -17.91
C LEU A 223 -3.61 -9.61 -19.26
N PHE A 224 -3.58 -10.93 -19.42
CA PHE A 224 -3.15 -11.51 -20.70
C PHE A 224 -4.08 -11.07 -21.83
N VAL A 225 -5.39 -11.16 -21.61
CA VAL A 225 -6.35 -10.80 -22.66
C VAL A 225 -6.20 -9.33 -23.02
N LEU A 226 -6.12 -8.47 -22.00
CA LEU A 226 -6.04 -7.04 -22.26
C LEU A 226 -4.73 -6.66 -22.96
N LEU A 227 -3.62 -7.27 -22.57
CA LEU A 227 -2.35 -6.99 -23.22
C LEU A 227 -2.36 -7.42 -24.68
N VAL A 228 -2.82 -8.65 -24.93
CA VAL A 228 -2.83 -9.16 -26.30
C VAL A 228 -3.73 -8.33 -27.19
N HIS A 229 -4.89 -7.89 -26.66
CA HIS A 229 -5.77 -7.05 -27.46
C HIS A 229 -5.18 -5.67 -27.69
N GLY A 230 -4.60 -5.05 -26.65
CA GLY A 230 -4.13 -3.69 -26.76
C GLY A 230 -2.88 -3.53 -27.60
N VAL A 231 -2.11 -4.60 -27.80
CA VAL A 231 -0.95 -4.50 -28.68
C VAL A 231 -1.36 -4.13 -30.11
N THR A 232 -2.56 -4.55 -30.54
CA THR A 232 -2.98 -4.38 -31.93
C THR A 232 -3.73 -3.09 -32.20
N LEU A 233 -4.00 -2.26 -31.19
CA LEU A 233 -4.79 -1.06 -31.41
C LEU A 233 -4.00 -0.01 -32.18
N PRO A 234 -4.69 0.81 -32.98
CA PRO A 234 -3.98 1.87 -33.72
C PRO A 234 -3.45 2.95 -32.78
N GLY A 235 -2.17 3.27 -32.92
CA GLY A 235 -1.52 4.24 -32.07
C GLY A 235 -0.83 3.69 -30.86
N ALA A 236 -0.99 2.39 -30.57
CA ALA A 236 -0.35 1.80 -29.39
C ALA A 236 1.17 1.76 -29.50
N SER A 237 1.71 1.79 -30.72
CA SER A 237 3.16 1.77 -30.90
C SER A 237 3.82 2.99 -30.29
N ASN A 238 3.18 4.16 -30.43
CA ASN A 238 3.72 5.37 -29.81
C ASN A 238 3.74 5.26 -28.28
N GLY A 239 2.69 4.68 -27.70
CA GLY A 239 2.69 4.47 -26.26
C GLY A 239 3.76 3.50 -25.80
N ILE A 240 3.97 2.43 -26.57
CA ILE A 240 5.02 1.47 -26.24
C ILE A 240 6.40 2.13 -26.35
N ASN A 241 6.61 2.94 -27.37
CA ASN A 241 7.87 3.66 -27.53
C ASN A 241 8.11 4.61 -26.36
N ALA A 242 7.06 5.31 -25.92
CA ALA A 242 7.19 6.19 -24.77
C ALA A 242 7.50 5.39 -23.50
N TYR A 243 6.88 4.22 -23.35
CA TYR A 243 7.12 3.38 -22.18
C TYR A 243 8.56 2.87 -22.15
N LEU A 244 9.09 2.46 -23.29
CA LEU A 244 10.42 1.89 -23.36
C LEU A 244 11.52 2.93 -23.61
N HIS A 245 11.26 4.18 -23.27
CA HIS A 245 12.23 5.26 -23.41
C HIS A 245 12.56 5.80 -22.02
N ILE A 246 13.84 6.09 -21.79
CA ILE A 246 14.32 6.53 -20.48
C ILE A 246 14.82 7.96 -20.62
N ASP A 247 14.22 8.86 -19.83
CA ASP A 247 14.68 10.24 -19.72
C ASP A 247 15.68 10.30 -18.57
N PHE A 248 16.96 10.48 -18.90
CA PHE A 248 17.98 10.54 -17.87
C PHE A 248 18.01 11.87 -17.13
N TYR A 249 17.33 12.89 -17.66
CA TYR A 249 17.15 14.13 -16.92
C TYR A 249 16.09 14.00 -15.85
N ARG A 250 15.15 13.07 -16.02
CA ARG A 250 14.12 12.85 -14.99
C ARG A 250 14.73 12.29 -13.72
N LEU A 251 15.74 11.43 -13.84
CA LEU A 251 16.55 11.07 -12.69
C LEU A 251 17.33 12.30 -12.21
N LYS A 252 18.11 12.12 -11.15
CA LYS A 252 18.85 13.18 -10.45
C LYS A 252 17.91 14.16 -9.74
N GLU A 253 16.60 13.98 -9.86
CA GLU A 253 15.60 14.72 -9.09
C GLU A 253 14.94 13.79 -8.09
N ALA A 254 14.43 14.37 -7.01
CA ALA A 254 14.01 13.58 -5.86
C ALA A 254 12.69 12.85 -6.09
N THR A 255 11.82 13.40 -6.92
CA THR A 255 10.42 12.96 -6.96
C THR A 255 10.30 11.49 -7.36
N VAL A 256 11.01 11.08 -8.40
CA VAL A 256 10.87 9.72 -8.90
C VAL A 256 11.41 8.71 -7.90
N TRP A 257 12.53 9.05 -7.24
CA TRP A 257 13.09 8.16 -6.23
C TRP A 257 12.13 8.00 -5.06
N ILE A 258 11.56 9.10 -4.58
CA ILE A 258 10.62 9.03 -3.46
C ILE A 258 9.39 8.21 -3.85
N ASP A 259 8.86 8.43 -5.05
CA ASP A 259 7.67 7.70 -5.49
C ASP A 259 7.95 6.20 -5.58
N ALA A 260 9.08 5.82 -6.17
CA ALA A 260 9.41 4.41 -6.31
C ALA A 260 9.61 3.76 -4.94
N ALA A 261 10.33 4.44 -4.03
CA ALA A 261 10.56 3.88 -2.71
C ALA A 261 9.26 3.69 -1.95
N THR A 262 8.36 4.66 -2.02
CA THR A 262 7.08 4.52 -1.32
C THR A 262 6.23 3.41 -1.93
N GLN A 263 6.21 3.32 -3.26
CA GLN A 263 5.39 2.30 -3.92
C GLN A 263 5.89 0.89 -3.62
N ILE A 264 7.21 0.70 -3.51
CA ILE A 264 7.74 -0.63 -3.22
C ILE A 264 7.17 -1.16 -1.91
N PHE A 265 7.25 -0.37 -0.85
CA PHE A 265 6.77 -0.82 0.45
C PHE A 265 5.24 -0.81 0.54
N PHE A 266 4.58 0.07 -0.19
CA PHE A 266 3.12 0.02 -0.25
C PHE A 266 2.63 -1.27 -0.89
N SER A 267 3.28 -1.70 -1.97
CA SER A 267 2.85 -2.88 -2.69
C SER A 267 3.25 -4.17 -1.97
N LEU A 268 4.43 -4.20 -1.34
CA LEU A 268 4.88 -5.43 -0.72
C LEU A 268 4.23 -5.70 0.63
N GLY A 269 3.54 -4.71 1.21
CA GLY A 269 2.89 -4.89 2.50
C GLY A 269 3.77 -4.67 3.71
N ALA A 270 5.03 -4.27 3.52
CA ALA A 270 5.92 -4.00 4.64
C ALA A 270 5.62 -2.63 5.25
N GLY A 271 5.66 -2.58 6.58
CA GLY A 271 5.38 -1.34 7.29
C GLY A 271 3.94 -1.17 7.74
N PHE A 272 3.13 -2.23 7.69
CA PHE A 272 1.75 -2.18 8.14
C PHE A 272 1.45 -3.13 9.28
N GLY A 273 2.34 -4.07 9.60
CA GLY A 273 2.07 -5.11 10.55
C GLY A 273 1.35 -6.32 9.98
N VAL A 274 1.08 -6.34 8.67
CA VAL A 274 0.38 -7.46 8.06
C VAL A 274 1.26 -8.70 8.05
N LEU A 275 2.52 -8.54 7.64
CA LEU A 275 3.40 -9.69 7.46
C LEU A 275 3.72 -10.37 8.78
N ILE A 276 4.01 -9.59 9.84
CA ILE A 276 4.30 -10.18 11.14
C ILE A 276 3.08 -10.91 11.68
N ALA A 277 1.90 -10.29 11.58
CA ALA A 277 0.69 -10.91 12.09
C ALA A 277 0.37 -12.21 11.36
N PHE A 278 0.56 -12.22 10.04
CA PHE A 278 0.24 -13.43 9.29
C PHE A 278 1.30 -14.52 9.49
N ALA A 279 2.56 -14.13 9.67
CA ALA A 279 3.61 -15.12 9.93
C ALA A 279 3.56 -15.66 11.35
N SER A 280 2.89 -14.97 12.27
CA SER A 280 2.74 -15.49 13.62
C SER A 280 1.88 -16.75 13.68
N TYR A 281 1.18 -17.09 12.61
CA TYR A 281 0.40 -18.31 12.53
C TYR A 281 1.07 -19.40 11.69
N ASN A 282 2.25 -19.13 11.14
CA ASN A 282 2.94 -20.11 10.31
C ASN A 282 3.51 -21.24 11.15
N LYS A 283 3.83 -22.34 10.46
CA LYS A 283 4.55 -23.42 11.11
C LYS A 283 5.98 -23.01 11.40
N PHE A 284 6.56 -23.63 12.43
CA PHE A 284 7.88 -23.20 12.90
C PHE A 284 8.97 -23.43 11.85
N ASP A 285 8.86 -24.49 11.05
CA ASP A 285 9.87 -24.82 10.07
C ASP A 285 9.49 -24.42 8.64
N ASN A 286 8.60 -23.43 8.50
CA ASN A 286 8.29 -22.89 7.18
C ASN A 286 9.48 -22.13 6.62
N ASN A 287 9.62 -22.16 5.30
CA ASN A 287 10.76 -21.55 4.60
C ASN A 287 10.36 -20.15 4.15
N CYS A 288 10.86 -19.12 4.85
CA CYS A 288 10.55 -17.74 4.49
C CYS A 288 11.36 -17.26 3.28
N TYR A 289 12.52 -17.88 3.05
CA TYR A 289 13.37 -17.52 1.92
C TYR A 289 12.64 -17.71 0.58
N ARG A 290 12.01 -18.88 0.41
CA ARG A 290 11.28 -19.17 -0.81
C ARG A 290 10.11 -18.22 -1.01
N ASP A 291 9.37 -17.93 0.07
CA ASP A 291 8.25 -17.00 -0.03
C ASP A 291 8.71 -15.61 -0.44
N ALA A 292 9.80 -15.12 0.16
CA ALA A 292 10.31 -13.81 -0.21
C ALA A 292 10.69 -13.75 -1.69
N LEU A 293 11.44 -14.76 -2.16
CA LEU A 293 11.85 -14.76 -3.56
C LEU A 293 10.65 -14.79 -4.49
N LEU A 294 9.70 -15.69 -4.24
CA LEU A 294 8.55 -15.84 -5.12
C LEU A 294 7.70 -14.57 -5.14
N THR A 295 7.45 -13.98 -3.98
CA THR A 295 6.64 -12.77 -3.93
C THR A 295 7.30 -11.62 -4.67
N SER A 296 8.62 -11.46 -4.51
CA SER A 296 9.32 -10.39 -5.22
C SER A 296 9.23 -10.58 -6.73
N SER A 297 9.44 -11.82 -7.21
CA SER A 297 9.38 -12.06 -8.64
C SER A 297 7.99 -11.79 -9.20
N ILE A 298 6.95 -12.25 -8.51
CA ILE A 298 5.58 -12.04 -8.98
C ILE A 298 5.26 -10.54 -9.01
N ASN A 299 5.67 -9.81 -7.97
CA ASN A 299 5.45 -8.36 -7.93
C ASN A 299 6.06 -7.68 -9.14
N CYS A 300 7.34 -7.99 -9.42
CA CYS A 300 8.03 -7.35 -10.54
C CYS A 300 7.31 -7.63 -11.87
N ILE A 301 6.98 -8.90 -12.10
CA ILE A 301 6.39 -9.29 -13.39
C ILE A 301 5.04 -8.61 -13.57
N THR A 302 4.19 -8.66 -12.54
CA THR A 302 2.85 -8.08 -12.66
C THR A 302 2.92 -6.57 -12.87
N SER A 303 3.81 -5.87 -12.15
CA SER A 303 3.92 -4.43 -12.33
C SER A 303 4.36 -4.09 -13.75
N PHE A 304 5.36 -4.79 -14.28
CA PHE A 304 5.83 -4.49 -15.63
C PHE A 304 4.73 -4.71 -16.66
N VAL A 305 3.99 -5.82 -16.55
CA VAL A 305 2.93 -6.11 -17.52
C VAL A 305 1.83 -5.06 -17.44
N SER A 306 1.46 -4.66 -16.22
CA SER A 306 0.42 -3.65 -16.06
C SER A 306 0.83 -2.32 -16.69
N GLY A 307 2.08 -1.91 -16.49
CA GLY A 307 2.55 -0.68 -17.12
C GLY A 307 2.53 -0.76 -18.64
N PHE A 308 2.95 -1.90 -19.19
CA PHE A 308 2.94 -2.08 -20.63
C PHE A 308 1.53 -1.91 -21.20
N ALA A 309 0.55 -2.58 -20.58
CA ALA A 309 -0.82 -2.48 -21.07
C ALA A 309 -1.36 -1.06 -20.96
N ILE A 310 -1.08 -0.40 -19.82
CA ILE A 310 -1.57 0.96 -19.62
C ILE A 310 -1.02 1.90 -20.68
N PHE A 311 0.28 1.78 -21.00
CA PHE A 311 0.84 2.70 -21.99
C PHE A 311 0.38 2.38 -23.41
N SER A 312 0.08 1.12 -23.70
CA SER A 312 -0.54 0.80 -25.00
C SER A 312 -1.89 1.49 -25.13
N ILE A 313 -2.71 1.42 -24.09
CA ILE A 313 -4.02 2.07 -24.12
C ILE A 313 -3.85 3.59 -24.23
N LEU A 314 -2.86 4.15 -23.54
CA LEU A 314 -2.61 5.59 -23.61
C LEU A 314 -2.25 6.02 -25.03
N GLY A 315 -1.40 5.24 -25.70
CA GLY A 315 -1.06 5.56 -27.08
C GLY A 315 -2.26 5.52 -28.01
N TYR A 316 -3.10 4.48 -27.86
CA TYR A 316 -4.31 4.42 -28.68
C TYR A 316 -5.22 5.62 -28.43
N MET A 317 -5.40 5.97 -27.16
CA MET A 317 -6.28 7.09 -26.82
C MET A 317 -5.75 8.40 -27.39
N ALA A 318 -4.43 8.60 -27.31
CA ALA A 318 -3.85 9.81 -27.88
C ALA A 318 -4.04 9.85 -29.39
N HIS A 319 -3.91 8.71 -30.06
CA HIS A 319 -4.15 8.68 -31.50
C HIS A 319 -5.59 9.02 -31.84
N GLU A 320 -6.55 8.46 -31.09
CA GLU A 320 -7.95 8.59 -31.49
C GLU A 320 -8.53 9.96 -31.17
N HIS A 321 -8.06 10.63 -30.11
CA HIS A 321 -8.59 11.94 -29.72
C HIS A 321 -7.81 13.10 -30.32
N LYS A 322 -6.70 12.84 -31.02
CA LYS A 322 -5.90 13.86 -31.69
C LYS A 322 -5.35 14.87 -30.69
N VAL A 323 -4.65 14.37 -29.67
CA VAL A 323 -3.98 15.18 -28.67
C VAL A 323 -2.60 14.58 -28.40
N ASN A 324 -1.81 15.30 -27.60
CA ASN A 324 -0.53 14.77 -27.15
C ASN A 324 -0.74 13.70 -26.10
N ILE A 325 0.24 12.80 -25.98
CA ILE A 325 0.12 11.71 -25.02
C ILE A 325 0.32 12.18 -23.59
N GLU A 326 0.93 13.35 -23.39
CA GLU A 326 1.16 13.87 -22.05
C GLU A 326 -0.06 14.56 -21.46
N ASP A 327 -1.07 14.88 -22.27
CA ASP A 327 -2.26 15.58 -21.80
C ASP A 327 -3.54 14.80 -22.03
N VAL A 328 -3.46 13.53 -22.43
CA VAL A 328 -4.65 12.80 -22.85
C VAL A 328 -5.48 12.30 -21.67
N ALA A 329 -4.88 12.11 -20.49
CA ALA A 329 -5.59 11.53 -19.36
C ALA A 329 -5.12 12.17 -18.07
N THR A 330 -5.84 11.87 -16.99
CA THR A 330 -5.53 12.39 -15.67
C THR A 330 -4.37 11.60 -15.03
N GLU A 331 -3.79 12.19 -13.99
CA GLU A 331 -2.70 11.57 -13.25
C GLU A 331 -3.09 11.20 -11.83
N GLY A 332 -4.38 11.16 -11.52
CA GLY A 332 -4.86 10.88 -10.19
C GLY A 332 -5.16 9.41 -9.98
N ALA A 333 -5.90 9.14 -8.89
CA ALA A 333 -6.22 7.77 -8.49
C ALA A 333 -7.31 7.13 -9.32
N GLY A 334 -7.95 7.86 -10.23
CA GLY A 334 -8.98 7.29 -11.05
C GLY A 334 -8.58 7.10 -12.50
N LEU A 335 -7.32 6.80 -12.75
CA LEU A 335 -6.83 6.63 -14.12
C LEU A 335 -7.29 5.31 -14.73
N VAL A 336 -7.26 4.22 -13.96
CA VAL A 336 -7.66 2.92 -14.49
C VAL A 336 -9.16 2.91 -14.79
N PHE A 337 -9.95 3.60 -13.96
CA PHE A 337 -11.39 3.67 -14.14
C PHE A 337 -11.79 4.42 -15.41
N ILE A 338 -10.86 5.11 -16.04
CA ILE A 338 -11.10 5.72 -17.35
C ILE A 338 -10.45 4.90 -18.46
N LEU A 339 -9.22 4.42 -18.25
CA LEU A 339 -8.49 3.76 -19.32
C LEU A 339 -9.04 2.38 -19.63
N TYR A 340 -9.45 1.61 -18.61
CA TYR A 340 -9.79 0.22 -18.86
C TYR A 340 -11.15 0.07 -19.52
N PRO A 341 -12.19 0.83 -19.13
CA PRO A 341 -13.42 0.82 -19.92
C PRO A 341 -13.23 1.23 -21.37
N GLU A 342 -12.29 2.15 -21.63
CA GLU A 342 -12.03 2.58 -22.99
C GLU A 342 -11.53 1.43 -23.85
N ALA A 343 -10.66 0.58 -23.28
CA ALA A 343 -10.20 -0.59 -24.01
C ALA A 343 -11.25 -1.70 -24.05
N ILE A 344 -12.07 -1.81 -23.01
CA ILE A 344 -13.13 -2.81 -23.00
C ILE A 344 -14.13 -2.55 -24.11
N SER A 345 -14.43 -1.27 -24.37
CA SER A 345 -15.37 -0.92 -25.43
C SER A 345 -14.90 -1.34 -26.81
N THR A 346 -13.61 -1.59 -26.99
CA THR A 346 -13.07 -1.99 -28.28
C THR A 346 -13.15 -3.50 -28.53
N LEU A 347 -13.47 -4.29 -27.51
CA LEU A 347 -13.57 -5.74 -27.67
C LEU A 347 -14.95 -6.14 -28.17
N SER A 348 -15.05 -7.40 -28.60
CA SER A 348 -16.33 -7.98 -29.01
C SER A 348 -16.93 -8.72 -27.83
N GLY A 349 -18.17 -8.40 -27.50
CA GLY A 349 -18.78 -8.89 -26.28
C GLY A 349 -18.32 -8.09 -25.08
N SER A 350 -18.58 -6.78 -25.10
CA SER A 350 -18.03 -5.88 -24.10
C SER A 350 -18.64 -6.10 -22.72
N THR A 351 -19.91 -6.49 -22.65
CA THR A 351 -20.56 -6.69 -21.36
C THR A 351 -19.88 -7.79 -20.55
N PHE A 352 -19.57 -8.91 -21.21
CA PHE A 352 -18.93 -10.03 -20.54
C PHE A 352 -17.58 -9.62 -19.96
N TRP A 353 -16.77 -8.93 -20.77
CA TRP A 353 -15.43 -8.54 -20.32
C TRP A 353 -15.51 -7.48 -19.22
N ALA A 354 -16.46 -6.56 -19.31
CA ALA A 354 -16.61 -5.57 -18.25
C ALA A 354 -16.99 -6.23 -16.93
N VAL A 355 -17.93 -7.18 -16.97
CA VAL A 355 -18.33 -7.88 -15.76
C VAL A 355 -17.15 -8.63 -15.15
N VAL A 356 -16.39 -9.34 -16.01
CA VAL A 356 -15.24 -10.09 -15.52
C VAL A 356 -14.21 -9.17 -14.87
N PHE A 357 -13.89 -8.06 -15.54
CA PHE A 357 -12.85 -7.16 -15.05
C PHE A 357 -13.24 -6.55 -13.71
N PHE A 358 -14.50 -6.12 -13.57
CA PHE A 358 -14.88 -5.47 -12.32
C PHE A 358 -15.05 -6.47 -11.19
N VAL A 359 -15.45 -7.71 -11.50
CA VAL A 359 -15.46 -8.76 -10.48
C VAL A 359 -14.05 -9.02 -9.97
N MET A 360 -13.07 -9.07 -10.88
CA MET A 360 -11.69 -9.28 -10.47
C MET A 360 -11.19 -8.14 -9.58
N LEU A 361 -11.50 -6.89 -9.97
CA LEU A 361 -11.08 -5.74 -9.16
C LEU A 361 -11.70 -5.80 -7.76
N LEU A 362 -12.99 -6.15 -7.69
CA LEU A 362 -13.65 -6.24 -6.39
C LEU A 362 -13.00 -7.31 -5.51
N ALA A 363 -12.67 -8.47 -6.09
CA ALA A 363 -12.03 -9.52 -5.31
C ALA A 363 -10.66 -9.08 -4.79
N LEU A 364 -9.87 -8.42 -5.62
CA LEU A 364 -8.57 -7.92 -5.19
C LEU A 364 -8.71 -6.97 -4.01
N GLY A 365 -9.62 -6.00 -4.13
CA GLY A 365 -9.82 -5.04 -3.06
C GLY A 365 -10.27 -5.71 -1.76
N LEU A 366 -11.18 -6.67 -1.86
CA LEU A 366 -11.67 -7.34 -0.66
C LEU A 366 -10.55 -8.11 0.04
N ASP A 367 -9.70 -8.78 -0.74
CA ASP A 367 -8.58 -9.51 -0.14
C ASP A 367 -7.64 -8.56 0.61
N SER A 368 -7.30 -7.42 -0.02
CA SER A 368 -6.39 -6.48 0.62
C SER A 368 -7.00 -5.90 1.90
N SER A 369 -8.29 -5.55 1.86
CA SER A 369 -8.93 -4.98 3.05
C SER A 369 -9.00 -5.99 4.17
N MET A 370 -9.29 -7.25 3.85
CA MET A 370 -9.27 -8.30 4.87
C MET A 370 -7.90 -8.40 5.52
N GLY A 371 -6.84 -8.36 4.71
CA GLY A 371 -5.50 -8.42 5.28
C GLY A 371 -5.22 -7.28 6.23
N GLY A 372 -5.56 -6.05 5.83
CA GLY A 372 -5.30 -4.91 6.69
C GLY A 372 -6.08 -4.93 8.00
N MET A 373 -7.37 -5.27 7.90
CA MET A 373 -8.19 -5.35 9.11
C MET A 373 -7.68 -6.43 10.06
N GLU A 374 -7.28 -7.59 9.50
CA GLU A 374 -6.73 -8.65 10.34
C GLU A 374 -5.44 -8.21 11.02
N ALA A 375 -4.59 -7.49 10.31
CA ALA A 375 -3.36 -6.98 10.92
C ALA A 375 -3.69 -6.11 12.13
N VAL A 376 -4.61 -5.15 11.95
CA VAL A 376 -4.95 -4.26 13.07
C VAL A 376 -5.51 -5.05 14.24
N ILE A 377 -6.46 -5.96 13.97
CA ILE A 377 -7.16 -6.66 15.04
C ILE A 377 -6.19 -7.56 15.81
N THR A 378 -5.36 -8.33 15.09
CA THR A 378 -4.41 -9.22 15.76
C THR A 378 -3.38 -8.44 16.56
N GLY A 379 -2.85 -7.35 15.98
CA GLY A 379 -1.88 -6.56 16.70
C GLY A 379 -2.43 -5.97 17.99
N LEU A 380 -3.67 -5.47 17.95
CA LEU A 380 -4.23 -4.89 19.17
C LEU A 380 -4.68 -5.95 20.17
N ALA A 381 -5.17 -7.09 19.71
CA ALA A 381 -5.64 -8.13 20.62
C ALA A 381 -4.51 -8.90 21.29
N ASP A 382 -3.32 -8.98 20.66
CA ASP A 382 -2.20 -9.63 21.32
C ASP A 382 -1.74 -8.85 22.54
N ASP A 383 -1.84 -7.52 22.51
CA ASP A 383 -1.37 -6.70 23.62
C ASP A 383 -2.32 -6.78 24.82
N PHE A 384 -3.62 -6.73 24.57
CA PHE A 384 -4.63 -6.75 25.62
C PHE A 384 -5.40 -8.06 25.55
N GLN A 385 -5.24 -8.89 26.58
CA GLN A 385 -5.81 -10.24 26.56
C GLN A 385 -7.32 -10.24 26.73
N VAL A 386 -7.89 -9.17 27.30
CA VAL A 386 -9.34 -9.11 27.45
C VAL A 386 -10.02 -9.05 26.09
N LEU A 387 -9.39 -8.41 25.10
CA LEU A 387 -9.99 -8.29 23.78
C LEU A 387 -10.11 -9.64 23.08
N LYS A 388 -9.42 -10.67 23.56
CA LYS A 388 -9.47 -11.98 22.91
C LYS A 388 -10.75 -12.75 23.22
N ARG A 389 -11.46 -12.40 24.30
CA ARG A 389 -12.73 -13.02 24.61
C ARG A 389 -13.91 -12.30 23.98
N HIS A 390 -13.67 -11.15 23.36
CA HIS A 390 -14.73 -10.30 22.79
C HIS A 390 -14.39 -9.94 21.36
N ARG A 391 -14.07 -10.96 20.55
CA ARG A 391 -13.66 -10.72 19.17
C ARG A 391 -14.76 -10.07 18.35
N LYS A 392 -16.02 -10.48 18.56
CA LYS A 392 -17.11 -9.93 17.78
C LYS A 392 -17.30 -8.44 18.04
N LEU A 393 -17.26 -8.03 19.31
CA LEU A 393 -17.43 -6.62 19.66
C LEU A 393 -16.26 -5.78 19.13
N PHE A 394 -15.03 -6.29 19.27
CA PHE A 394 -13.87 -5.55 18.78
C PHE A 394 -13.90 -5.40 17.26
N THR A 395 -14.30 -6.48 16.56
CA THR A 395 -14.44 -6.42 15.12
C THR A 395 -15.49 -5.39 14.71
N PHE A 396 -16.63 -5.39 15.40
CA PHE A 396 -17.67 -4.42 15.09
C PHE A 396 -17.18 -2.99 15.31
N GLY A 397 -16.46 -2.77 16.41
CA GLY A 397 -15.93 -1.43 16.67
C GLY A 397 -14.98 -0.96 15.58
N VAL A 398 -14.06 -1.82 15.18
CA VAL A 398 -13.10 -1.45 14.14
C VAL A 398 -13.81 -1.17 12.82
N THR A 399 -14.73 -2.05 12.42
CA THR A 399 -15.41 -1.87 11.15
C THR A 399 -16.29 -0.62 11.14
N PHE A 400 -17.01 -0.36 12.24
CA PHE A 400 -17.86 0.82 12.30
C PHE A 400 -17.04 2.10 12.30
N SER A 401 -15.91 2.11 13.01
CA SER A 401 -15.04 3.28 12.98
C SER A 401 -14.51 3.54 11.58
N THR A 402 -14.13 2.47 10.88
CA THR A 402 -13.66 2.64 9.51
C THR A 402 -14.76 3.20 8.60
N PHE A 403 -15.98 2.70 8.75
CA PHE A 403 -17.09 3.21 7.94
C PHE A 403 -17.36 4.68 8.21
N LEU A 404 -17.39 5.06 9.49
CA LEU A 404 -17.66 6.45 9.85
C LEU A 404 -16.57 7.38 9.34
N LEU A 405 -15.30 6.95 9.40
CA LEU A 405 -14.23 7.80 8.91
C LEU A 405 -14.18 7.83 7.39
N ALA A 406 -14.57 6.74 6.72
CA ALA A 406 -14.62 6.72 5.27
C ALA A 406 -15.80 7.48 4.70
N LEU A 407 -16.77 7.85 5.54
CA LEU A 407 -17.86 8.71 5.08
C LEU A 407 -17.36 10.03 4.51
N PHE A 408 -16.17 10.48 4.92
CA PHE A 408 -15.64 11.77 4.44
C PHE A 408 -15.25 11.72 2.97
N CYS A 409 -14.90 10.55 2.45
CA CYS A 409 -14.34 10.44 1.10
C CYS A 409 -15.39 10.16 0.03
N ILE A 410 -16.67 10.10 0.39
CA ILE A 410 -17.74 9.90 -0.59
C ILE A 410 -18.61 11.14 -0.72
N THR A 411 -18.13 12.28 -0.26
CA THR A 411 -18.83 13.54 -0.47
C THR A 411 -18.62 14.01 -1.90
N LYS A 412 -19.21 15.15 -2.24
CA LYS A 412 -19.04 15.70 -3.59
C LYS A 412 -17.58 16.06 -3.86
N GLY A 413 -16.88 16.55 -2.85
CA GLY A 413 -15.46 16.84 -2.98
C GLY A 413 -14.58 15.81 -2.29
N GLY A 414 -15.01 14.55 -2.31
CA GLY A 414 -14.26 13.50 -1.63
C GLY A 414 -12.98 13.11 -2.33
N ILE A 415 -12.83 13.46 -3.60
CA ILE A 415 -11.60 13.12 -4.32
C ILE A 415 -10.41 13.89 -3.74
N TYR A 416 -10.62 15.13 -3.31
CA TYR A 416 -9.54 15.90 -2.69
C TYR A 416 -9.12 15.29 -1.36
N VAL A 417 -10.08 14.86 -0.54
CA VAL A 417 -9.76 14.20 0.72
C VAL A 417 -9.01 12.90 0.46
N LEU A 418 -9.46 12.14 -0.55
CA LEU A 418 -8.78 10.89 -0.89
C LEU A 418 -7.34 11.16 -1.37
N THR A 419 -7.15 12.21 -2.16
CA THR A 419 -5.81 12.56 -2.62
C THR A 419 -4.90 12.94 -1.45
N LEU A 420 -5.44 13.75 -0.52
CA LEU A 420 -4.66 14.13 0.65
C LEU A 420 -4.26 12.90 1.47
N LEU A 421 -5.21 11.99 1.71
CA LEU A 421 -4.92 10.80 2.49
C LEU A 421 -3.91 9.91 1.76
N ASP A 422 -4.08 9.72 0.46
CA ASP A 422 -3.15 8.89 -0.30
C ASP A 422 -1.75 9.49 -0.31
N THR A 423 -1.64 10.80 -0.24
CA THR A 423 -0.32 11.42 -0.19
C THR A 423 0.32 11.31 1.20
N PHE A 424 -0.45 11.50 2.26
CA PHE A 424 0.13 11.71 3.58
C PHE A 424 -0.10 10.57 4.58
N ALA A 425 -0.74 9.47 4.19
CA ALA A 425 -1.00 8.42 5.18
C ALA A 425 0.18 7.48 5.32
N ALA A 426 0.71 6.95 4.21
CA ALA A 426 1.89 6.08 4.23
C ALA A 426 2.90 6.62 3.21
N GLY A 427 3.65 7.64 3.62
CA GLY A 427 4.78 8.13 2.86
C GLY A 427 6.07 8.11 3.66
N THR A 428 6.49 9.33 4.04
CA THR A 428 7.62 9.49 4.95
C THR A 428 7.41 8.71 6.24
N SER A 429 6.16 8.62 6.70
CA SER A 429 5.87 7.89 7.93
C SER A 429 6.19 6.40 7.79
N ILE A 430 5.75 5.80 6.68
CA ILE A 430 6.00 4.38 6.49
C ILE A 430 7.48 4.11 6.26
N LEU A 431 8.16 5.01 5.55
CA LEU A 431 9.61 4.86 5.37
C LEU A 431 10.34 4.93 6.72
N PHE A 432 9.93 5.89 7.57
CA PHE A 432 10.56 6.04 8.88
C PHE A 432 10.30 4.82 9.76
N ALA A 433 9.08 4.28 9.72
CA ALA A 433 8.77 3.10 10.53
C ALA A 433 9.58 1.89 10.07
N VAL A 434 9.71 1.70 8.75
CA VAL A 434 10.50 0.59 8.23
C VAL A 434 11.97 0.75 8.63
N LEU A 435 12.50 1.97 8.54
CA LEU A 435 13.88 2.21 8.94
C LEU A 435 14.09 1.93 10.42
N MET A 436 13.13 2.34 11.26
CA MET A 436 13.24 2.09 12.70
C MET A 436 13.22 0.59 13.00
N GLU A 437 12.33 -0.16 12.33
CA GLU A 437 12.30 -1.60 12.50
C GLU A 437 13.65 -2.24 12.15
N ALA A 438 14.20 -1.85 10.99
CA ALA A 438 15.47 -2.41 10.56
C ALA A 438 16.59 -2.07 11.54
N ILE A 439 16.66 -0.82 11.98
CA ILE A 439 17.71 -0.40 12.90
C ILE A 439 17.60 -1.19 14.20
N GLY A 440 16.40 -1.25 14.77
CA GLY A 440 16.19 -2.02 15.98
C GLY A 440 16.69 -3.44 15.85
N VAL A 441 16.13 -4.18 14.88
CA VAL A 441 16.43 -5.60 14.77
C VAL A 441 17.92 -5.83 14.52
N SER A 442 18.50 -5.08 13.58
CA SER A 442 19.86 -5.39 13.14
C SER A 442 20.95 -4.73 13.99
N TRP A 443 20.62 -3.82 14.90
CA TRP A 443 21.66 -3.15 15.67
C TRP A 443 21.53 -3.34 17.18
N PHE A 444 20.32 -3.44 17.73
CA PHE A 444 20.20 -3.55 19.18
C PHE A 444 19.94 -4.98 19.64
N TYR A 445 19.11 -5.73 18.92
CA TYR A 445 18.96 -7.15 19.23
C TYR A 445 20.18 -7.95 18.81
N GLY A 446 20.66 -7.72 17.59
CA GLY A 446 21.82 -8.44 17.08
C GLY A 446 21.55 -9.19 15.80
N VAL A 447 22.28 -8.85 14.74
CA VAL A 447 22.10 -9.55 13.47
C VAL A 447 22.59 -10.99 13.57
N ASP A 448 23.62 -11.25 14.36
CA ASP A 448 24.07 -12.63 14.57
C ASP A 448 23.04 -13.44 15.34
N ARG A 449 22.40 -12.82 16.33
CA ARG A 449 21.31 -13.49 17.04
C ARG A 449 20.15 -13.79 16.11
N PHE A 450 19.82 -12.85 15.22
CA PHE A 450 18.77 -13.08 14.23
C PHE A 450 19.12 -14.25 13.31
N SER A 451 20.37 -14.32 12.87
CA SER A 451 20.81 -15.41 12.01
C SER A 451 20.74 -16.75 12.72
N ASN A 452 21.14 -16.78 14.00
CA ASN A 452 21.03 -18.01 14.79
C ASN A 452 19.57 -18.43 14.96
N ASP A 453 18.68 -17.45 15.18
CA ASP A 453 17.26 -17.76 15.31
C ASP A 453 16.71 -18.36 14.02
N ILE A 454 17.11 -17.82 12.87
CA ILE A 454 16.66 -18.36 11.59
C ILE A 454 17.21 -19.78 11.40
N GLN A 455 18.49 -19.99 11.73
CA GLN A 455 19.07 -21.32 11.55
C GLN A 455 18.42 -22.35 12.46
N GLN A 456 17.94 -21.92 13.63
CA GLN A 456 17.31 -22.87 14.55
C GLN A 456 16.06 -23.49 13.95
N MET A 457 15.26 -22.71 13.22
CA MET A 457 13.99 -23.20 12.71
C MET A 457 14.01 -23.59 11.24
N MET A 458 15.04 -23.19 10.48
CA MET A 458 15.11 -23.54 9.07
C MET A 458 16.23 -24.51 8.72
N GLY A 459 17.21 -24.70 9.60
CA GLY A 459 18.28 -25.63 9.37
C GLY A 459 19.48 -25.09 8.64
N PHE A 460 19.40 -23.87 8.12
CA PHE A 460 20.53 -23.23 7.45
C PHE A 460 20.64 -21.78 7.92
N ARG A 461 21.85 -21.25 7.87
CA ARG A 461 22.13 -19.88 8.28
C ARG A 461 22.16 -18.95 7.08
N PRO A 462 21.60 -17.75 7.19
CA PRO A 462 21.60 -16.81 6.06
C PRO A 462 23.01 -16.40 5.66
N GLY A 463 23.18 -16.12 4.37
CA GLY A 463 24.47 -15.75 3.83
C GLY A 463 24.84 -14.30 4.10
N LEU A 464 26.06 -13.96 3.69
CA LEU A 464 26.61 -12.64 4.00
C LEU A 464 25.84 -11.52 3.33
N TYR A 465 25.26 -11.77 2.15
CA TYR A 465 24.52 -10.73 1.45
C TYR A 465 23.32 -10.25 2.26
N TRP A 466 22.58 -11.20 2.86
CA TRP A 466 21.42 -10.83 3.68
C TRP A 466 21.83 -10.05 4.92
N ARG A 467 22.91 -10.48 5.59
CA ARG A 467 23.37 -9.77 6.78
C ARG A 467 23.83 -8.36 6.44
N LEU A 468 24.58 -8.21 5.35
CA LEU A 468 25.04 -6.89 4.93
C LEU A 468 23.86 -5.98 4.58
N CYS A 469 22.88 -6.51 3.85
CA CYS A 469 21.72 -5.69 3.50
C CYS A 469 20.90 -5.33 4.73
N TRP A 470 20.79 -6.24 5.70
CA TRP A 470 20.04 -5.95 6.92
C TRP A 470 20.73 -4.88 7.75
N LYS A 471 22.06 -4.91 7.80
CA LYS A 471 22.76 -4.02 8.74
C LYS A 471 23.17 -2.68 8.14
N PHE A 472 23.66 -2.65 6.90
CA PHE A 472 24.25 -1.42 6.38
C PHE A 472 23.50 -0.86 5.17
N VAL A 473 23.14 -1.70 4.20
CA VAL A 473 22.71 -1.21 2.90
C VAL A 473 21.31 -0.61 2.96
N SER A 474 20.34 -1.39 3.43
CA SER A 474 18.96 -0.88 3.50
C SER A 474 18.79 0.31 4.43
N PRO A 475 19.35 0.33 5.65
CA PRO A 475 19.19 1.53 6.49
C PRO A 475 19.72 2.80 5.85
N ALA A 476 20.85 2.73 5.15
CA ALA A 476 21.42 3.93 4.55
C ALA A 476 20.52 4.49 3.45
N PHE A 477 20.02 3.62 2.58
CA PHE A 477 19.12 4.06 1.52
C PHE A 477 17.82 4.61 2.09
N LEU A 478 17.28 3.96 3.11
CA LEU A 478 16.04 4.45 3.72
C LEU A 478 16.26 5.82 4.36
N LEU A 479 17.38 6.01 5.06
CA LEU A 479 17.66 7.30 5.67
C LEU A 479 17.83 8.39 4.61
N PHE A 480 18.53 8.08 3.52
CA PHE A 480 18.72 9.05 2.45
C PHE A 480 17.37 9.45 1.85
N VAL A 481 16.50 8.46 1.59
CA VAL A 481 15.22 8.78 0.98
C VAL A 481 14.33 9.56 1.93
N VAL A 482 14.39 9.27 3.23
CA VAL A 482 13.59 10.02 4.20
C VAL A 482 14.04 11.48 4.26
N VAL A 483 15.35 11.70 4.34
CA VAL A 483 15.88 13.06 4.39
C VAL A 483 15.52 13.82 3.12
N VAL A 484 15.66 13.17 1.96
CA VAL A 484 15.36 13.82 0.69
C VAL A 484 13.88 14.14 0.58
N SER A 485 13.01 13.24 1.07
CA SER A 485 11.57 13.50 1.02
C SER A 485 11.20 14.68 1.90
N ILE A 486 11.83 14.80 3.08
CA ILE A 486 11.55 15.95 3.93
C ILE A 486 12.05 17.24 3.28
N ILE A 487 13.27 17.21 2.73
CA ILE A 487 13.91 18.44 2.25
C ILE A 487 13.21 18.98 0.99
N ASN A 488 12.77 18.09 0.10
CA ASN A 488 12.28 18.48 -1.22
C ASN A 488 10.77 18.32 -1.35
N PHE A 489 10.03 18.70 -0.30
CA PHE A 489 8.58 18.60 -0.33
C PHE A 489 7.98 19.56 -1.35
N LYS A 490 6.98 19.10 -2.08
CA LYS A 490 6.24 19.90 -3.04
C LYS A 490 4.78 20.02 -2.63
N PRO A 491 4.19 21.21 -2.69
CA PRO A 491 2.79 21.37 -2.27
C PRO A 491 1.84 20.53 -3.10
N LEU A 492 0.76 20.10 -2.46
CA LEU A 492 -0.19 19.18 -3.06
C LEU A 492 -0.98 19.84 -4.18
N THR A 493 -1.31 19.04 -5.19
CA THR A 493 -2.12 19.46 -6.33
C THR A 493 -2.95 18.30 -6.80
N TYR A 494 -4.01 18.61 -7.55
CA TYR A 494 -4.84 17.61 -8.22
C TYR A 494 -5.14 18.10 -9.63
N ASP A 495 -4.47 17.51 -10.61
CA ASP A 495 -4.58 17.93 -12.00
C ASP A 495 -4.26 19.41 -12.16
N ASP A 496 -5.29 20.24 -12.28
CA ASP A 496 -5.10 21.69 -12.41
C ASP A 496 -5.54 22.45 -11.18
N TYR A 497 -5.83 21.76 -10.07
CA TYR A 497 -6.31 22.39 -8.85
C TYR A 497 -5.19 22.44 -7.81
N ILE A 498 -5.04 23.57 -7.14
CA ILE A 498 -3.98 23.80 -6.16
C ILE A 498 -4.62 23.92 -4.78
N PHE A 499 -4.20 23.05 -3.87
CA PHE A 499 -4.72 23.06 -2.51
C PHE A 499 -4.27 24.32 -1.76
N PRO A 500 -5.05 24.77 -0.78
CA PRO A 500 -4.59 25.84 0.10
C PRO A 500 -3.50 25.35 1.05
N PRO A 501 -2.68 26.27 1.60
CA PRO A 501 -1.58 25.83 2.48
C PRO A 501 -2.03 25.10 3.73
N TRP A 502 -3.19 25.44 4.31
CA TRP A 502 -3.60 24.77 5.53
C TRP A 502 -3.88 23.29 5.28
N ALA A 503 -4.23 22.92 4.05
CA ALA A 503 -4.33 21.51 3.71
C ALA A 503 -2.98 20.82 3.82
N ASN A 504 -1.91 21.49 3.38
CA ASN A 504 -0.57 20.93 3.53
C ASN A 504 -0.19 20.79 5.00
N TRP A 505 -0.55 21.78 5.82
CA TRP A 505 -0.29 21.68 7.25
C TRP A 505 -1.04 20.49 7.86
N VAL A 506 -2.30 20.29 7.46
CA VAL A 506 -3.08 19.17 7.98
C VAL A 506 -2.45 17.84 7.56
N GLY A 507 -1.99 17.75 6.31
CA GLY A 507 -1.35 16.53 5.85
C GLY A 507 -0.07 16.23 6.61
N TRP A 508 0.74 17.26 6.88
CA TRP A 508 1.97 17.04 7.65
C TRP A 508 1.66 16.64 9.08
N GLY A 509 0.60 17.21 9.67
CA GLY A 509 0.17 16.77 10.99
C GLY A 509 -0.25 15.31 11.00
N ILE A 510 -0.98 14.88 9.98
CA ILE A 510 -1.37 13.48 9.85
C ILE A 510 -0.13 12.60 9.77
N ALA A 511 0.85 13.01 8.96
CA ALA A 511 2.08 12.22 8.82
C ALA A 511 2.84 12.13 10.14
N LEU A 512 2.92 13.23 10.89
CA LEU A 512 3.68 13.26 12.13
C LEU A 512 2.99 12.53 13.27
N SER A 513 1.65 12.43 13.23
CA SER A 513 0.93 11.78 14.31
C SER A 513 1.38 10.34 14.54
N SER A 514 1.85 9.67 13.48
CA SER A 514 2.37 8.32 13.60
C SER A 514 3.86 8.29 13.91
N MET A 515 4.62 9.29 13.44
CA MET A 515 6.06 9.30 13.65
C MET A 515 6.44 9.66 15.07
N VAL A 516 5.65 10.50 15.74
CA VAL A 516 5.99 10.93 17.10
C VAL A 516 5.84 9.82 18.13
N LEU A 517 5.20 8.71 17.78
CA LEU A 517 4.89 7.67 18.77
C LEU A 517 6.12 6.95 19.30
N VAL A 518 7.23 6.94 18.57
CA VAL A 518 8.41 6.18 18.97
C VAL A 518 9.17 6.91 20.09
N PRO A 519 9.57 8.18 19.93
CA PRO A 519 10.23 8.86 21.05
C PRO A 519 9.34 8.99 22.28
N ILE A 520 8.03 9.10 22.10
CA ILE A 520 7.12 9.18 23.24
C ILE A 520 7.19 7.91 24.06
N TYR A 521 7.17 6.75 23.39
CA TYR A 521 7.25 5.49 24.12
C TYR A 521 8.62 5.32 24.76
N VAL A 522 9.69 5.77 24.09
CA VAL A 522 11.01 5.70 24.71
C VAL A 522 11.05 6.51 26.00
N ILE A 523 10.50 7.73 25.97
CA ILE A 523 10.48 8.57 27.17
C ILE A 523 9.65 7.93 28.27
N TYR A 524 8.47 7.39 27.92
CA TYR A 524 7.62 6.76 28.93
C TYR A 524 8.30 5.55 29.53
N LYS A 525 8.96 4.67 28.78
CA LYS A 525 9.67 3.50 29.30
C LYS A 525 10.86 3.90 30.14
N PHE A 526 11.52 4.95 29.79
CA PHE A 526 12.60 5.38 30.67
C PHE A 526 12.05 5.93 31.99
N LEU A 527 10.97 6.70 31.93
CA LEU A 527 10.45 7.34 33.13
C LEU A 527 9.65 6.41 34.03
N SER A 528 9.18 5.29 33.52
CA SER A 528 8.36 4.36 34.29
C SER A 528 9.16 3.23 34.93
N THR A 529 10.48 3.21 34.77
CA THR A 529 11.33 2.18 35.34
C THR A 529 12.08 2.74 36.53
N GLN A 530 12.09 1.99 37.64
CA GLN A 530 12.71 2.43 38.88
C GLN A 530 14.11 1.86 38.99
N GLY A 531 15.05 2.69 39.39
CA GLY A 531 16.45 2.30 39.55
C GLY A 531 17.35 3.49 39.31
N SER A 532 18.53 3.20 38.78
CA SER A 532 19.50 4.21 38.38
C SER A 532 19.56 4.27 36.85
N LEU A 533 20.39 5.18 36.34
CA LEU A 533 20.49 5.35 34.89
C LEU A 533 20.97 4.07 34.23
N TRP A 534 22.01 3.45 34.79
CA TRP A 534 22.54 2.20 34.23
C TRP A 534 21.48 1.10 34.25
N GLU A 535 20.74 1.00 35.35
CA GLU A 535 19.73 -0.06 35.47
C GLU A 535 18.61 0.12 34.45
N ARG A 536 18.07 1.34 34.34
CA ARG A 536 17.00 1.58 33.37
C ARG A 536 17.48 1.37 31.94
N LEU A 537 18.69 1.84 31.63
CA LEU A 537 19.23 1.65 30.30
C LEU A 537 19.40 0.17 29.97
N ALA A 538 19.90 -0.62 30.94
CA ALA A 538 20.07 -2.05 30.70
C ALA A 538 18.72 -2.75 30.56
N TYR A 539 17.73 -2.35 31.35
CA TYR A 539 16.40 -2.96 31.26
C TYR A 539 15.73 -2.65 29.93
N GLY A 540 15.99 -1.47 29.37
CA GLY A 540 15.32 -1.09 28.14
C GLY A 540 15.78 -1.84 26.90
N ILE A 541 16.98 -2.42 26.93
CA ILE A 541 17.53 -3.08 25.74
C ILE A 541 17.61 -4.60 25.90
N THR A 542 17.55 -5.12 27.11
CA THR A 542 17.62 -6.56 27.33
C THR A 542 16.28 -7.21 26.99
N PRO A 543 16.28 -8.40 26.39
CA PRO A 543 15.01 -9.11 26.16
C PRO A 543 14.30 -9.42 27.47
N GLU A 544 12.96 -9.45 27.39
CA GLU A 544 12.14 -9.55 28.59
C GLU A 544 12.37 -10.85 29.35
N ASN A 545 12.78 -11.91 28.65
CA ASN A 545 12.99 -13.21 29.28
C ASN A 545 14.42 -13.39 29.77
N GLU A 546 15.28 -12.37 29.64
CA GLU A 546 16.66 -12.44 30.11
C GLU A 546 16.95 -11.36 31.16
N HIS A 547 15.92 -10.84 31.82
CA HIS A 547 16.11 -9.73 32.75
C HIS A 547 16.83 -10.14 34.02
N HIS A 548 17.04 -11.44 34.25
CA HIS A 548 17.81 -11.88 35.41
C HIS A 548 19.30 -11.58 35.26
N LEU A 549 19.76 -11.19 34.08
CA LEU A 549 21.15 -10.83 33.87
C LEU A 549 21.47 -9.40 34.29
N VAL A 550 20.46 -8.57 34.53
CA VAL A 550 20.72 -7.21 34.98
C VAL A 550 21.30 -7.21 36.39
N ALA A 551 20.77 -8.06 37.27
CA ALA A 551 21.33 -8.18 38.61
C ALA A 551 22.75 -8.74 38.56
N GLN A 552 23.00 -9.72 37.69
CA GLN A 552 24.35 -10.26 37.51
C GLN A 552 25.29 -9.29 36.82
N ARG A 553 24.75 -8.24 36.19
CA ARG A 553 25.55 -7.18 35.56
C ARG A 553 26.45 -7.73 34.45
N ASP A 554 25.80 -8.33 33.45
CA ASP A 554 26.49 -8.81 32.25
C ASP A 554 25.56 -8.54 31.06
N ILE A 555 25.78 -7.42 30.38
CA ILE A 555 24.97 -7.00 29.26
C ILE A 555 25.85 -6.99 28.02
N ARG A 556 25.41 -7.69 26.97
CA ARG A 556 26.23 -7.81 25.76
C ARG A 556 26.34 -6.49 25.01
N GLN A 557 25.34 -5.62 25.12
CA GLN A 557 25.36 -4.34 24.43
C GLN A 557 26.40 -3.38 24.99
N PHE A 558 26.99 -3.69 26.15
CA PHE A 558 28.02 -2.85 26.75
C PHE A 558 29.43 -3.30 26.37
N GLN A 559 29.59 -4.02 25.26
CA GLN A 559 30.88 -4.46 24.77
C GLN A 559 31.05 -4.03 23.33
N LEU A 560 32.30 -3.88 22.91
CA LEU A 560 32.59 -3.47 21.53
C LEU A 560 32.28 -4.57 20.53
N GLN A 561 32.42 -5.83 20.94
CA GLN A 561 32.21 -6.95 20.02
C GLN A 561 30.77 -7.07 19.56
N HIS A 562 29.81 -6.63 20.39
CA HIS A 562 28.41 -6.67 19.98
C HIS A 562 28.15 -5.76 18.80
N TRP A 563 28.74 -4.56 18.81
CA TRP A 563 28.53 -3.61 17.74
C TRP A 563 29.45 -3.84 16.55
N LEU A 564 30.61 -4.48 16.77
CA LEU A 564 31.50 -4.82 15.66
C LEU A 564 31.06 -6.06 14.90
N ALA A 565 30.12 -6.83 15.43
CA ALA A 565 29.70 -8.08 14.78
C ALA A 565 28.88 -7.79 13.54
N ILE A 566 29.25 -8.41 12.43
CA ILE A 566 28.54 -8.24 11.17
C ILE A 566 28.07 -9.57 10.62
NA NA B . 3.43 -7.35 -4.40
NA NA C . -4.77 -9.27 -3.13
CL CL D . 3.73 -2.06 -7.84
OAC E5E E . -3.55 -1.51 6.27
CAJ E5E E . -4.03 -1.83 5.00
CAG E5E E . -3.16 -2.32 4.03
CAI E5E E . -5.37 -1.68 4.71
OAB E5E E . -6.24 -1.20 5.70
CAE E5E E . -5.86 -2.01 3.46
CAF E5E E . -4.99 -2.48 2.50
CAK E5E E . -3.64 -2.64 2.78
CAL E5E E . -2.69 -3.17 1.71
OAD E5E E . -2.04 -2.10 1.08
CAH E5E E . -1.65 -4.07 2.37
NAA E5E E . -2.11 -5.45 2.38
OAC E5E F . 7.16 12.52 -22.12
CAJ E5E F . 6.07 11.98 -21.42
CAG E5E F . 5.69 12.50 -20.20
CAI E5E F . 5.36 10.92 -21.97
OAB E5E F . 5.74 10.39 -23.21
CAE E5E F . 4.28 10.39 -21.29
CAF E5E F . 3.90 10.91 -20.07
CAK E5E F . 4.61 11.97 -19.53
CAL E5E F . 4.20 12.55 -18.18
OAD E5E F . 5.02 13.64 -17.86
CAH E5E F . 2.75 13.00 -18.25
NAA E5E F . 2.63 14.33 -17.66
C1 NAG G . -17.67 24.54 -21.72
C2 NAG G . -17.98 24.76 -20.25
C3 NAG G . -18.36 26.21 -20.03
C4 NAG G . -17.24 27.11 -20.55
C5 NAG G . -16.96 26.79 -22.01
C6 NAG G . -15.83 27.65 -22.56
C7 NAG G . -18.98 22.84 -19.08
C8 NAG G . -19.98 22.72 -17.99
N2 NAG G . -19.10 23.92 -19.85
O3 NAG G . -18.55 26.43 -18.63
O4 NAG G . -17.62 28.48 -20.41
O5 NAG G . -16.63 25.42 -22.17
O6 NAG G . -15.78 27.48 -23.99
O7 NAG G . -18.09 22.02 -19.26
#